data_4QBA
#
_entry.id   4QBA
#
_cell.length_a   73.605
_cell.length_b   77.182
_cell.length_c   93.968
_cell.angle_alpha   90.00
_cell.angle_beta   90.00
_cell.angle_gamma   90.00
#
_symmetry.space_group_name_H-M   'P 21 21 21'
#
loop_
_entity.id
_entity.type
_entity.pdbx_description
1 polymer 'LysR family regulatory protein'
2 non-polymer 'CHLORIDE ION'
3 water water
#
_entity_poly.entity_id   1
_entity_poly.type   'polypeptide(L)'
_entity_poly.pdbx_seq_one_letter_code
;FDK(MSE)QAHIGEVNGTISIGCSSLIGQTLLPEVLSLYNAQFPNVEIQVQVGSTEQIKANHRDYHV(MSE)ITRGNKV
(MSE)NLANTHLFNDDHYFIFPKNRRDDVTKLPFIEFQADPIYINQIKQWYNDNLEQDYHATITVDQVATCKE(MSE)LI
SGVGVTILPEI(MSE)(MSE)KNISKEQFEFEKVEIDNEPLIRSTF(MSE)SYDPS(MSE)LQLPQVDSFVNL(MSE)AS
F
;
_entity_poly.pdbx_strand_id   A,B
#
loop_
_chem_comp.id
_chem_comp.type
_chem_comp.name
_chem_comp.formula
CL non-polymer 'CHLORIDE ION' 'Cl -1'
#
# COMPACT_ATOMS: atom_id res chain seq x y z
N PHE A 1 1.80 -13.33 -40.89
CA PHE A 1 0.80 -13.71 -39.84
C PHE A 1 1.14 -15.06 -39.21
N ASP A 2 1.57 -16.03 -40.02
CA ASP A 2 2.04 -17.33 -39.53
C ASP A 2 3.30 -17.20 -38.64
N LYS A 3 4.26 -16.39 -39.11
CA LYS A 3 5.50 -16.15 -38.38
C LYS A 3 5.30 -15.20 -37.18
N MSE A 4 4.37 -14.24 -37.29
CA MSE A 4 4.02 -13.39 -36.15
C MSE A 4 3.46 -14.23 -35.01
O MSE A 4 3.94 -14.14 -33.87
CB MSE A 4 2.99 -12.31 -36.56
CG MSE A 4 2.61 -11.38 -35.41
SE MSE A 4 1.74 -9.88 -35.92
CE MSE A 4 1.57 -9.03 -34.35
N GLN A 5 2.45 -15.04 -35.31
CA GLN A 5 1.88 -16.00 -34.34
C GLN A 5 2.92 -17.00 -33.84
N ALA A 6 3.82 -17.43 -34.73
CA ALA A 6 4.90 -18.35 -34.38
C ALA A 6 5.80 -17.78 -33.29
N HIS A 7 6.26 -16.53 -33.47
CA HIS A 7 7.07 -15.87 -32.45
C HIS A 7 6.31 -15.65 -31.13
N ILE A 8 5.06 -15.19 -31.22
CA ILE A 8 4.24 -14.93 -30.03
C ILE A 8 4.13 -16.22 -29.22
N GLY A 9 3.73 -17.29 -29.90
CA GLY A 9 3.63 -18.60 -29.29
C GLY A 9 4.95 -19.07 -28.73
N GLU A 10 6.03 -18.76 -29.46
CA GLU A 10 7.35 -19.29 -29.17
C GLU A 10 7.80 -18.93 -27.75
N VAL A 11 7.64 -17.66 -27.38
CA VAL A 11 8.05 -17.22 -26.05
C VAL A 11 7.01 -17.65 -25.00
N ASN A 12 7.44 -18.53 -24.11
CA ASN A 12 6.57 -19.18 -23.17
C ASN A 12 7.34 -19.55 -21.92
N GLY A 13 6.83 -20.52 -21.15
CA GLY A 13 7.45 -20.88 -19.90
C GLY A 13 7.05 -19.90 -18.81
N THR A 14 7.84 -19.87 -17.75
CA THR A 14 7.50 -19.10 -16.58
C THR A 14 8.56 -18.03 -16.31
N ILE A 15 8.12 -16.90 -15.81
CA ILE A 15 9.04 -15.90 -15.28
C ILE A 15 8.62 -15.49 -13.89
N SER A 16 9.60 -15.40 -12.99
CA SER A 16 9.37 -15.03 -11.62
C SER A 16 10.09 -13.73 -11.33
N ILE A 17 9.32 -12.74 -10.88
CA ILE A 17 9.78 -11.38 -10.70
C ILE A 17 9.61 -10.96 -9.24
N GLY A 18 10.65 -10.34 -8.68
CA GLY A 18 10.57 -9.71 -7.35
C GLY A 18 10.77 -8.21 -7.52
N CYS A 19 9.93 -7.41 -6.88
CA CYS A 19 9.87 -5.95 -7.11
C CYS A 19 9.65 -5.19 -5.81
N SER A 20 10.33 -4.08 -5.62
CA SER A 20 10.17 -3.29 -4.42
C SER A 20 8.83 -2.50 -4.45
N SER A 21 8.45 -1.98 -3.29
CA SER A 21 7.07 -1.55 -3.00
C SER A 21 6.50 -0.45 -3.89
N LEU A 22 7.27 0.63 -4.06
CA LEU A 22 6.76 1.84 -4.67
C LEU A 22 6.54 1.63 -6.16
N ILE A 23 7.57 1.13 -6.84
CA ILE A 23 7.46 0.81 -8.24
C ILE A 23 6.45 -0.31 -8.50
N GLY A 24 6.36 -1.25 -7.56
CA GLY A 24 5.39 -2.33 -7.63
C GLY A 24 3.95 -1.85 -7.62
N GLN A 25 3.70 -0.74 -6.93
CA GLN A 25 2.35 -0.16 -6.85
C GLN A 25 2.00 0.76 -8.04
N THR A 26 3.01 1.35 -8.69
CA THR A 26 2.80 2.51 -9.58
C THR A 26 3.07 2.20 -11.05
N LEU A 27 4.05 1.35 -11.33
CA LEU A 27 4.51 1.12 -12.68
C LEU A 27 4.40 -0.36 -13.08
N LEU A 28 4.76 -1.28 -12.17
CA LEU A 28 4.67 -2.72 -12.48
C LEU A 28 3.36 -3.22 -13.06
N PRO A 29 2.22 -2.80 -12.50
CA PRO A 29 0.94 -3.31 -13.00
C PRO A 29 0.74 -3.01 -14.49
N GLU A 30 1.09 -1.79 -14.88
CA GLU A 30 1.05 -1.35 -16.27
C GLU A 30 1.99 -2.23 -17.11
N VAL A 31 3.22 -2.38 -16.66
CA VAL A 31 4.18 -3.23 -17.37
C VAL A 31 3.67 -4.65 -17.54
N LEU A 32 3.06 -5.20 -16.49
CA LEU A 32 2.64 -6.59 -16.54
C LEU A 32 1.48 -6.76 -17.51
N SER A 33 0.59 -5.77 -17.55
CA SER A 33 -0.57 -5.79 -18.46
C SER A 33 -0.08 -5.82 -19.91
N LEU A 34 0.83 -4.91 -20.23
CA LEU A 34 1.46 -4.88 -21.55
C LEU A 34 2.18 -6.20 -21.88
N TYR A 35 2.86 -6.75 -20.88
CA TYR A 35 3.60 -7.98 -21.05
C TYR A 35 2.68 -9.18 -21.29
N ASN A 36 1.57 -9.25 -20.57
CA ASN A 36 0.58 -10.31 -20.79
C ASN A 36 -0.01 -10.20 -22.20
N ALA A 37 -0.28 -8.98 -22.65
CA ALA A 37 -0.84 -8.74 -23.99
C ALA A 37 0.11 -9.17 -25.09
N GLN A 38 1.39 -8.81 -24.95
CA GLN A 38 2.41 -9.14 -25.94
C GLN A 38 2.88 -10.58 -25.88
N PHE A 39 2.89 -11.17 -24.68
CA PHE A 39 3.41 -12.52 -24.51
C PHE A 39 2.44 -13.38 -23.70
N PRO A 40 1.26 -13.66 -24.25
CA PRO A 40 0.19 -14.34 -23.52
C PRO A 40 0.52 -15.75 -23.05
N ASN A 41 1.51 -16.40 -23.64
CA ASN A 41 1.81 -17.78 -23.28
C ASN A 41 2.79 -17.96 -22.13
N VAL A 42 3.34 -16.86 -21.61
CA VAL A 42 4.22 -16.97 -20.44
C VAL A 42 3.41 -16.81 -19.15
N GLU A 43 3.67 -17.68 -18.18
CA GLU A 43 3.03 -17.58 -16.86
C GLU A 43 3.89 -16.73 -15.92
N ILE A 44 3.31 -15.68 -15.36
CA ILE A 44 4.07 -14.78 -14.51
C ILE A 44 3.91 -15.18 -13.05
N GLN A 45 4.98 -15.04 -12.29
CA GLN A 45 4.95 -15.14 -10.84
C GLN A 45 5.57 -13.85 -10.35
N VAL A 46 4.91 -13.17 -9.42
CA VAL A 46 5.36 -11.85 -8.96
C VAL A 46 5.30 -11.75 -7.45
N GLN A 47 6.32 -11.15 -6.87
CA GLN A 47 6.25 -10.72 -5.48
C GLN A 47 6.59 -9.25 -5.43
N VAL A 48 5.77 -8.49 -4.71
CA VAL A 48 6.09 -7.11 -4.36
C VAL A 48 6.26 -6.99 -2.84
N GLY A 49 7.41 -6.48 -2.40
CA GLY A 49 7.75 -6.31 -0.97
C GLY A 49 8.79 -5.22 -0.84
N SER A 50 9.32 -5.01 0.36
CA SER A 50 10.42 -4.07 0.56
C SER A 50 11.68 -4.56 -0.20
N THR A 51 12.53 -3.62 -0.58
CA THR A 51 13.80 -3.95 -1.21
C THR A 51 14.54 -5.04 -0.43
N GLU A 52 14.63 -4.88 0.89
CA GLU A 52 15.35 -5.84 1.76
C GLU A 52 14.78 -7.26 1.64
N GLN A 53 13.46 -7.36 1.69
CA GLN A 53 12.80 -8.65 1.49
C GLN A 53 13.13 -9.28 0.14
N ILE A 54 13.03 -8.48 -0.93
CA ILE A 54 13.23 -9.02 -2.27
C ILE A 54 14.69 -9.48 -2.41
N LYS A 55 15.63 -8.64 -1.97
CA LYS A 55 17.03 -9.03 -2.00
C LYS A 55 17.29 -10.28 -1.18
N ALA A 56 16.63 -10.41 -0.04
CA ALA A 56 16.75 -11.62 0.79
C ALA A 56 16.27 -12.85 0.04
N ASN A 57 15.19 -12.73 -0.73
CA ASN A 57 14.63 -13.86 -1.47
C ASN A 57 15.18 -14.02 -2.89
N HIS A 58 16.34 -13.45 -3.17
CA HIS A 58 16.84 -13.38 -4.57
C HIS A 58 16.77 -14.70 -5.37
N ARG A 59 16.95 -15.84 -4.70
CA ARG A 59 16.90 -17.14 -5.38
C ARG A 59 15.53 -17.49 -5.93
N ASP A 60 14.46 -16.84 -5.44
CA ASP A 60 13.11 -17.06 -5.95
C ASP A 60 12.86 -16.45 -7.35
N TYR A 61 13.72 -15.52 -7.76
CA TYR A 61 13.38 -14.69 -8.94
C TYR A 61 14.35 -14.86 -10.10
N HIS A 62 13.85 -14.71 -11.32
CA HIS A 62 14.72 -14.53 -12.49
C HIS A 62 15.23 -13.10 -12.56
N VAL A 63 14.39 -12.17 -12.14
CA VAL A 63 14.68 -10.75 -12.23
C VAL A 63 14.16 -10.06 -11.00
N MSE A 64 14.99 -9.14 -10.49
CA MSE A 64 14.62 -8.30 -9.35
C MSE A 64 14.61 -6.88 -9.82
O MSE A 64 15.46 -6.48 -10.63
CB MSE A 64 15.65 -8.43 -8.24
CG MSE A 64 15.50 -9.75 -7.51
SE MSE A 64 16.79 -9.88 -6.01
CE MSE A 64 18.43 -9.94 -7.08
N ILE A 65 13.65 -6.10 -9.32
CA ILE A 65 13.60 -4.64 -9.55
C ILE A 65 13.53 -3.95 -8.19
N THR A 66 14.56 -3.22 -7.81
CA THR A 66 14.66 -2.66 -6.45
C THR A 66 15.19 -1.25 -6.41
N ARG A 67 14.74 -0.51 -5.41
CA ARG A 67 15.22 0.83 -5.13
C ARG A 67 16.35 0.75 -4.08
N GLY A 68 17.47 1.39 -4.35
CA GLY A 68 18.61 1.39 -3.41
C GLY A 68 19.90 1.21 -4.20
N ASN A 69 20.66 0.19 -3.88
CA ASN A 69 21.99 -0.02 -4.45
C ASN A 69 22.01 -1.22 -5.37
N LYS A 70 23.06 -1.31 -6.17
CA LYS A 70 23.29 -2.46 -7.03
C LYS A 70 23.46 -3.71 -6.22
N VAL A 71 23.13 -4.84 -6.82
CA VAL A 71 23.36 -6.15 -6.19
C VAL A 71 24.63 -6.74 -6.79
N MSE A 72 25.53 -7.17 -5.92
CA MSE A 72 26.81 -7.77 -6.32
C MSE A 72 26.63 -9.09 -7.00
O MSE A 72 25.69 -9.83 -6.69
CB MSE A 72 27.69 -7.96 -5.08
CG MSE A 72 28.86 -6.97 -4.98
SE MSE A 72 28.43 -5.18 -5.67
CE MSE A 72 29.51 -5.22 -7.33
N ASN A 73 27.52 -9.38 -7.94
CA ASN A 73 27.55 -10.68 -8.64
C ASN A 73 26.36 -10.91 -9.54
N LEU A 74 25.73 -9.82 -9.97
CA LEU A 74 24.58 -9.86 -10.85
C LEU A 74 24.77 -8.72 -11.84
N ALA A 75 24.16 -8.78 -13.02
CA ALA A 75 24.08 -7.60 -13.87
C ALA A 75 23.07 -6.63 -13.22
N ASN A 76 23.32 -5.33 -13.34
CA ASN A 76 22.44 -4.30 -12.84
C ASN A 76 22.20 -3.28 -13.94
N THR A 77 20.94 -3.07 -14.29
CA THR A 77 20.56 -2.05 -15.25
C THR A 77 19.81 -0.95 -14.50
N HIS A 78 20.36 0.25 -14.58
CA HIS A 78 19.79 1.43 -13.98
C HIS A 78 18.54 1.86 -14.75
N LEU A 79 17.42 1.93 -14.05
CA LEU A 79 16.14 2.26 -14.70
C LEU A 79 15.88 3.75 -14.62
N PHE A 80 16.00 4.31 -13.42
CA PHE A 80 15.79 5.73 -13.22
C PHE A 80 16.24 6.16 -11.84
N ASN A 81 16.51 7.45 -11.71
CA ASN A 81 16.64 8.10 -10.42
C ASN A 81 15.37 8.89 -10.07
N ASP A 82 15.02 8.92 -8.78
CA ASP A 82 13.89 9.70 -8.23
C ASP A 82 14.38 10.86 -7.37
N ASP A 83 13.90 12.06 -7.66
CA ASP A 83 13.98 13.16 -6.74
C ASP A 83 12.91 12.98 -5.65
N HIS A 84 13.00 13.78 -4.61
CA HIS A 84 12.03 13.78 -3.49
C HIS A 84 11.56 15.20 -3.20
N TYR A 85 10.27 15.34 -2.86
CA TYR A 85 9.65 16.65 -2.67
C TYR A 85 8.94 16.73 -1.34
N PHE A 86 9.15 17.85 -0.66
CA PHE A 86 8.42 18.20 0.54
C PHE A 86 7.13 18.78 0.03
N ILE A 87 6.00 18.25 0.52
CA ILE A 87 4.68 18.61 0.02
C ILE A 87 3.80 19.08 1.16
N PHE A 88 3.16 20.24 0.95
CA PHE A 88 2.31 20.85 1.95
C PHE A 88 1.19 21.67 1.29
N PRO A 89 0.09 21.88 2.02
CA PRO A 89 -1.02 22.65 1.40
C PRO A 89 -0.58 24.06 0.96
N LYS A 90 -0.88 24.43 -0.29
CA LYS A 90 -0.46 25.71 -0.88
C LYS A 90 -0.91 26.87 0.01
N ASN A 91 -2.18 26.80 0.39
CA ASN A 91 -2.80 27.72 1.34
C ASN A 91 -2.13 27.86 2.70
N ARG A 92 -1.06 27.11 3.01
CA ARG A 92 -0.51 27.05 4.36
C ARG A 92 1.01 27.17 4.42
N ARG A 93 1.60 27.86 3.45
CA ARG A 93 3.05 28.03 3.39
C ARG A 93 3.74 28.35 4.74
N ASP A 94 3.17 29.29 5.47
CA ASP A 94 3.82 29.88 6.65
C ASP A 94 4.01 28.92 7.82
N ASP A 95 2.92 28.27 8.23
CA ASP A 95 2.89 27.49 9.48
C ASP A 95 3.08 25.97 9.26
N VAL A 96 3.95 25.64 8.32
CA VAL A 96 4.28 24.25 8.02
C VAL A 96 4.79 23.46 9.23
N THR A 97 5.52 24.14 10.13
CA THR A 97 6.02 23.52 11.36
C THR A 97 4.90 23.06 12.29
N LYS A 98 3.72 23.65 12.17
CA LYS A 98 2.60 23.32 13.04
C LYS A 98 1.82 22.09 12.56
N LEU A 99 1.85 21.83 11.27
CA LEU A 99 1.19 20.65 10.71
C LEU A 99 1.89 19.33 11.06
N PRO A 100 1.13 18.25 11.25
CA PRO A 100 1.82 16.98 11.49
C PRO A 100 2.59 16.43 10.26
N PHE A 101 3.82 15.98 10.47
CA PHE A 101 4.57 15.30 9.44
C PHE A 101 4.10 13.84 9.35
N ILE A 102 3.88 13.38 8.12
CA ILE A 102 3.40 12.02 7.85
C ILE A 102 4.59 11.18 7.35
N GLU A 103 4.94 10.16 8.11
CA GLU A 103 6.05 9.27 7.76
C GLU A 103 5.52 7.90 7.35
N PHE A 104 5.93 7.41 6.19
CA PHE A 104 5.66 6.05 5.80
C PHE A 104 6.85 5.15 6.06
N GLN A 105 6.55 3.88 6.29
CA GLN A 105 7.56 2.90 6.57
C GLN A 105 8.46 2.71 5.33
N ALA A 106 9.76 2.75 5.55
CA ALA A 106 10.76 2.69 4.49
C ALA A 106 12.14 2.22 5.06
N ASP A 107 13.13 2.12 4.20
CA ASP A 107 14.52 1.87 4.63
C ASP A 107 14.93 2.86 5.76
N PRO A 108 15.55 2.38 6.86
CA PRO A 108 15.97 3.34 7.92
C PRO A 108 17.04 4.39 7.51
N ILE A 109 17.86 4.13 6.50
CA ILE A 109 18.84 5.11 6.05
C ILE A 109 18.07 6.27 5.44
N TYR A 110 17.06 5.95 4.63
CA TYR A 110 16.17 6.96 4.04
C TYR A 110 15.45 7.81 5.08
N ILE A 111 14.79 7.18 6.05
CA ILE A 111 14.11 7.91 7.12
C ILE A 111 15.04 8.87 7.89
N ASN A 112 16.24 8.39 8.20
CA ASN A 112 17.20 9.22 8.90
C ASN A 112 17.64 10.42 8.07
N GLN A 113 17.75 10.24 6.76
CA GLN A 113 17.98 11.37 5.85
C GLN A 113 16.82 12.37 5.88
N ILE A 114 15.59 11.87 5.87
CA ILE A 114 14.41 12.75 5.91
C ILE A 114 14.41 13.54 7.21
N LYS A 115 14.71 12.87 8.32
CA LYS A 115 14.75 13.51 9.64
C LYS A 115 15.78 14.64 9.67
N GLN A 116 16.98 14.32 9.23
CA GLN A 116 18.03 15.34 9.07
C GLN A 116 17.56 16.55 8.28
N TRP A 117 16.90 16.32 7.15
CA TRP A 117 16.48 17.42 6.30
C TRP A 117 15.46 18.28 7.04
N TYR A 118 14.56 17.62 7.75
CA TYR A 118 13.53 18.32 8.50
C TYR A 118 14.16 19.22 9.55
N ASN A 119 15.08 18.67 10.34
CA ASN A 119 15.83 19.44 11.36
C ASN A 119 16.42 20.71 10.78
N ASP A 120 17.15 20.55 9.68
CA ASP A 120 17.90 21.66 9.11
C ASP A 120 17.06 22.65 8.32
N ASN A 121 15.86 22.27 7.88
CA ASN A 121 15.06 23.16 7.04
C ASN A 121 13.79 23.74 7.64
N LEU A 122 13.17 23.02 8.58
CA LEU A 122 12.07 23.59 9.35
C LEU A 122 12.58 24.14 10.67
N GLU A 123 13.90 24.02 10.89
CA GLU A 123 14.58 24.55 12.08
C GLU A 123 13.79 24.18 13.32
N GLN A 124 13.49 22.89 13.42
CA GLN A 124 12.65 22.36 14.48
C GLN A 124 12.80 20.85 14.45
N ASP A 125 12.74 20.23 15.62
CA ASP A 125 12.92 18.79 15.72
C ASP A 125 11.89 18.00 14.91
N TYR A 126 12.40 17.06 14.12
CA TYR A 126 11.58 16.12 13.39
C TYR A 126 10.83 15.28 14.39
N HIS A 127 9.55 15.09 14.13
CA HIS A 127 8.75 14.15 14.87
C HIS A 127 7.70 13.63 13.91
N ALA A 128 7.65 12.31 13.76
CA ALA A 128 6.63 11.69 12.94
C ALA A 128 5.36 11.67 13.78
N THR A 129 4.55 12.70 13.64
CA THR A 129 3.32 12.76 14.41
C THR A 129 2.25 11.83 13.78
N ILE A 130 2.35 11.57 12.49
CA ILE A 130 1.58 10.49 11.86
C ILE A 130 2.51 9.49 11.19
N THR A 131 2.57 8.25 11.70
CA THR A 131 3.43 7.19 11.15
C THR A 131 2.56 6.08 10.59
N VAL A 132 2.82 5.68 9.35
CA VAL A 132 1.96 4.72 8.66
C VAL A 132 2.77 3.60 8.04
N ASP A 133 2.14 2.44 7.90
CA ASP A 133 2.77 1.24 7.36
C ASP A 133 2.87 1.25 5.82
N GLN A 134 1.93 1.92 5.15
CA GLN A 134 1.84 1.78 3.70
C GLN A 134 1.87 3.15 3.03
N VAL A 135 2.62 3.25 1.95
CA VAL A 135 2.78 4.52 1.27
C VAL A 135 1.45 5.14 0.79
N ALA A 136 0.51 4.33 0.34
CA ALA A 136 -0.77 4.87 -0.13
C ALA A 136 -1.54 5.53 1.03
N THR A 137 -1.36 5.03 2.24
CA THR A 137 -1.93 5.65 3.43
C THR A 137 -1.34 7.02 3.71
N CYS A 138 -0.03 7.15 3.52
CA CYS A 138 0.64 8.44 3.60
C CYS A 138 0.05 9.44 2.60
N LYS A 139 -0.03 9.01 1.34
CA LYS A 139 -0.61 9.82 0.28
C LYS A 139 -2.08 10.22 0.59
N GLU A 140 -2.90 9.27 1.07
CA GLU A 140 -4.28 9.60 1.42
C GLU A 140 -4.33 10.63 2.56
N MSE A 141 -3.43 10.52 3.53
CA MSE A 141 -3.39 11.47 4.64
C MSE A 141 -3.03 12.84 4.11
O MSE A 141 -3.60 13.86 4.51
CB MSE A 141 -2.40 11.08 5.73
CG MSE A 141 -2.77 9.80 6.47
SE MSE A 141 -4.00 10.23 7.93
CE MSE A 141 -4.12 8.43 8.68
N LEU A 142 -2.06 12.89 3.20
CA LEU A 142 -1.67 14.16 2.61
C LEU A 142 -2.85 14.77 1.86
N ILE A 143 -3.41 14.00 0.94
CA ILE A 143 -4.46 14.48 0.05
C ILE A 143 -5.67 14.97 0.83
N SER A 144 -5.99 14.34 1.95
CA SER A 144 -7.12 14.77 2.72
C SER A 144 -6.84 16.03 3.56
N GLY A 145 -5.65 16.63 3.44
CA GLY A 145 -5.34 17.88 4.17
C GLY A 145 -4.92 17.73 5.63
N VAL A 146 -4.57 16.51 6.05
CA VAL A 146 -4.23 16.25 7.45
C VAL A 146 -2.80 16.67 7.84
N GLY A 147 -1.89 16.73 6.89
CA GLY A 147 -0.49 17.02 7.23
C GLY A 147 0.44 17.24 6.06
N VAL A 148 1.74 17.20 6.35
CA VAL A 148 2.77 17.40 5.34
C VAL A 148 3.57 16.12 5.26
N THR A 149 4.29 15.95 4.16
CA THR A 149 5.14 14.78 3.97
C THR A 149 6.24 15.03 2.94
N ILE A 150 7.10 14.03 2.80
CA ILE A 150 8.06 13.97 1.71
C ILE A 150 7.80 12.70 0.92
N LEU A 151 7.60 12.83 -0.39
CA LEU A 151 7.41 11.68 -1.25
C LEU A 151 8.44 11.70 -2.36
N PRO A 152 8.87 10.49 -2.80
CA PRO A 152 9.67 10.41 -4.02
C PRO A 152 8.76 10.66 -5.22
N GLU A 153 9.35 11.07 -6.34
CA GLU A 153 8.56 11.52 -7.50
C GLU A 153 7.58 10.48 -7.97
N ILE A 154 7.98 9.22 -7.89
CA ILE A 154 7.16 8.14 -8.43
C ILE A 154 5.81 8.01 -7.75
N MSE A 155 5.70 8.53 -6.53
CA MSE A 155 4.45 8.46 -5.75
C MSE A 155 3.63 9.70 -5.87
O MSE A 155 2.62 9.83 -5.17
CB MSE A 155 4.78 8.28 -4.26
CG MSE A 155 5.42 6.93 -3.95
SE MSE A 155 4.32 5.41 -4.55
CE MSE A 155 2.51 5.99 -3.95
N MSE A 156 4.02 10.64 -6.72
CA MSE A 156 3.41 11.98 -6.72
C MSE A 156 2.30 12.17 -7.72
O MSE A 156 1.76 13.26 -7.82
CB MSE A 156 4.48 13.06 -6.91
CG MSE A 156 5.10 13.36 -5.57
SE MSE A 156 6.74 14.43 -5.77
CE MSE A 156 6.64 15.17 -7.58
N LYS A 157 1.91 11.13 -8.44
CA LYS A 157 0.86 11.25 -9.43
C LYS A 157 -0.50 11.55 -8.78
N ASN A 158 -1.28 12.43 -9.41
CA ASN A 158 -2.61 12.82 -8.94
C ASN A 158 -2.63 13.61 -7.63
N ILE A 159 -1.55 14.32 -7.35
CA ILE A 159 -1.54 15.24 -6.23
C ILE A 159 -1.71 16.62 -6.87
N SER A 160 -2.82 17.28 -6.56
CA SER A 160 -3.16 18.56 -7.18
C SER A 160 -2.09 19.64 -7.01
N LYS A 161 -1.57 20.13 -8.13
CA LYS A 161 -0.70 21.32 -8.14
C LYS A 161 -1.43 22.58 -7.69
N GLU A 162 -2.76 22.56 -7.76
CA GLU A 162 -3.59 23.68 -7.31
C GLU A 162 -3.69 23.72 -5.79
N GLN A 163 -3.74 22.54 -5.17
CA GLN A 163 -3.97 22.43 -3.75
C GLN A 163 -2.68 22.38 -2.93
N PHE A 164 -1.58 21.93 -3.53
CA PHE A 164 -0.32 21.69 -2.82
C PHE A 164 0.87 22.38 -3.46
N GLU A 165 1.81 22.76 -2.60
CA GLU A 165 3.13 23.26 -2.99
C GLU A 165 4.18 22.14 -2.84
N PHE A 166 5.17 22.15 -3.74
CA PHE A 166 6.20 21.13 -3.82
C PHE A 166 7.59 21.74 -3.73
N GLU A 167 8.37 21.32 -2.74
CA GLU A 167 9.72 21.83 -2.53
C GLU A 167 10.74 20.71 -2.65
N LYS A 168 11.62 20.83 -3.63
CA LYS A 168 12.60 19.80 -3.89
C LYS A 168 13.52 19.64 -2.69
N VAL A 169 13.75 18.39 -2.29
CA VAL A 169 14.54 18.09 -1.10
C VAL A 169 16.02 17.96 -1.49
N GLU A 170 16.85 18.75 -0.81
CA GLU A 170 18.29 18.77 -1.05
C GLU A 170 19.02 18.76 0.27
N ILE A 171 20.10 18.02 0.35
CA ILE A 171 20.97 18.00 1.52
C ILE A 171 22.35 18.51 1.09
N ASP A 172 22.79 19.62 1.70
CA ASP A 172 24.05 20.27 1.33
C ASP A 172 24.08 20.53 -0.18
N ASN A 173 23.06 21.24 -0.64
CA ASN A 173 22.82 21.52 -2.06
C ASN A 173 23.07 20.32 -3.00
N GLU A 174 22.71 19.12 -2.54
CA GLU A 174 22.66 17.93 -3.37
C GLU A 174 21.26 17.31 -3.25
N PRO A 175 20.54 17.21 -4.38
CA PRO A 175 19.25 16.54 -4.39
C PRO A 175 19.28 15.16 -3.73
N LEU A 176 18.36 14.92 -2.79
CA LEU A 176 18.13 13.58 -2.25
C LEU A 176 17.52 12.76 -3.38
N ILE A 177 18.26 11.74 -3.81
CA ILE A 177 17.82 10.83 -4.85
C ILE A 177 17.88 9.39 -4.37
N ARG A 178 17.07 8.56 -5.01
CA ARG A 178 17.20 7.12 -4.94
C ARG A 178 17.15 6.59 -6.37
N SER A 179 18.06 5.65 -6.64
CA SER A 179 18.14 4.94 -7.88
C SER A 179 17.34 3.65 -7.78
N THR A 180 16.74 3.26 -8.90
CA THR A 180 16.06 1.99 -9.03
C THR A 180 16.80 1.17 -10.10
N PHE A 181 17.11 -0.09 -9.75
CA PHE A 181 17.88 -1.03 -10.59
C PHE A 181 17.08 -2.29 -10.86
N MSE A 182 17.25 -2.82 -12.07
CA MSE A 182 16.82 -4.16 -12.41
C MSE A 182 18.04 -5.03 -12.38
O MSE A 182 19.04 -4.71 -13.02
CB MSE A 182 16.20 -4.14 -13.79
CG MSE A 182 15.55 -5.46 -14.13
SE MSE A 182 14.38 -5.12 -15.72
CE MSE A 182 15.32 -3.87 -16.78
N SER A 183 17.96 -6.14 -11.66
CA SER A 183 19.12 -7.04 -11.40
C SER A 183 18.78 -8.47 -11.76
N TYR A 184 19.73 -9.14 -12.41
CA TYR A 184 19.57 -10.51 -12.89
C TYR A 184 20.94 -11.11 -13.22
N ASP A 185 20.99 -12.42 -13.20
CA ASP A 185 22.15 -13.14 -13.67
C ASP A 185 22.14 -12.97 -15.18
N PRO A 186 23.26 -12.51 -15.79
CA PRO A 186 23.23 -12.26 -17.26
C PRO A 186 22.78 -13.46 -18.11
N SER A 187 23.04 -14.67 -17.62
CA SER A 187 22.70 -15.88 -18.33
C SER A 187 21.19 -16.11 -18.39
N MSE A 188 20.44 -15.45 -17.53
CA MSE A 188 18.98 -15.55 -17.56
C MSE A 188 18.42 -14.91 -18.84
O MSE A 188 17.31 -15.21 -19.25
CB MSE A 188 18.39 -14.93 -16.29
CG MSE A 188 17.36 -15.82 -15.58
SE MSE A 188 18.08 -17.61 -15.18
CE MSE A 188 19.33 -17.14 -13.74
N LEU A 189 19.18 -14.01 -19.45
CA LEU A 189 18.73 -13.36 -20.70
C LEU A 189 18.62 -14.31 -21.89
N GLN A 190 19.20 -15.50 -21.78
CA GLN A 190 19.03 -16.54 -22.80
C GLN A 190 17.63 -17.13 -22.76
N LEU A 191 16.90 -16.94 -21.66
CA LEU A 191 15.49 -17.31 -21.64
C LEU A 191 14.70 -16.21 -22.33
N PRO A 192 13.93 -16.55 -23.38
CA PRO A 192 13.27 -15.48 -24.15
C PRO A 192 12.19 -14.73 -23.38
N GLN A 193 11.47 -15.41 -22.47
CA GLN A 193 10.46 -14.72 -21.63
C GLN A 193 11.10 -13.70 -20.69
N VAL A 194 12.30 -14.00 -20.23
CA VAL A 194 13.03 -13.11 -19.33
C VAL A 194 13.66 -11.97 -20.13
N ASP A 195 14.34 -12.31 -21.23
CA ASP A 195 14.84 -11.28 -22.13
C ASP A 195 13.77 -10.31 -22.56
N SER A 196 12.59 -10.85 -22.90
CA SER A 196 11.45 -10.02 -23.31
C SER A 196 11.01 -9.09 -22.20
N PHE A 197 10.92 -9.62 -20.99
CA PHE A 197 10.50 -8.79 -19.84
C PHE A 197 11.49 -7.68 -19.54
N VAL A 198 12.76 -8.05 -19.47
CA VAL A 198 13.81 -7.09 -19.15
C VAL A 198 13.81 -5.93 -20.16
N ASN A 199 13.70 -6.21 -21.44
CA ASN A 199 13.70 -5.13 -22.43
C ASN A 199 12.45 -4.27 -22.38
N LEU A 200 11.31 -4.90 -22.09
CA LEU A 200 10.07 -4.15 -21.93
C LEU A 200 10.17 -3.22 -20.73
N MSE A 201 10.62 -3.74 -19.59
CA MSE A 201 10.70 -2.91 -18.38
C MSE A 201 11.68 -1.79 -18.57
O MSE A 201 11.45 -0.67 -18.12
CB MSE A 201 11.07 -3.81 -17.20
CG MSE A 201 11.34 -3.12 -15.86
SE MSE A 201 9.75 -2.15 -15.16
CE MSE A 201 8.72 -3.73 -14.76
N ALA A 202 12.81 -2.08 -19.20
CA ALA A 202 13.84 -1.06 -19.42
C ALA A 202 13.40 0.05 -20.41
N SER A 203 12.43 -0.25 -21.26
CA SER A 203 11.96 0.72 -22.26
C SER A 203 10.94 1.70 -21.70
N PHE A 204 10.45 1.46 -20.49
CA PHE A 204 9.53 2.41 -19.86
C PHE A 204 10.21 3.69 -19.37
N GLY B 9 -12.62 25.78 21.53
CA GLY B 9 -11.41 26.18 22.32
C GLY B 9 -11.14 25.31 23.53
N GLU B 10 -12.21 25.02 24.29
CA GLU B 10 -12.08 24.29 25.55
C GLU B 10 -11.39 22.95 25.36
N VAL B 11 -11.82 22.22 24.34
CA VAL B 11 -11.28 20.88 24.07
C VAL B 11 -9.90 20.99 23.39
N ASN B 12 -8.89 20.48 24.08
CA ASN B 12 -7.51 20.65 23.67
C ASN B 12 -6.66 19.49 24.22
N GLY B 13 -5.36 19.69 24.33
CA GLY B 13 -4.45 18.61 24.75
C GLY B 13 -4.15 17.71 23.57
N THR B 14 -3.67 16.52 23.88
CA THR B 14 -3.21 15.60 22.85
C THR B 14 -4.04 14.31 22.84
N ILE B 15 -4.22 13.76 21.65
CA ILE B 15 -4.80 12.43 21.52
C ILE B 15 -3.89 11.57 20.66
N SER B 16 -3.66 10.33 21.10
CA SER B 16 -2.85 9.36 20.39
C SER B 16 -3.73 8.19 19.97
N ILE B 17 -3.76 7.93 18.66
CA ILE B 17 -4.64 6.96 18.03
C ILE B 17 -3.79 5.89 17.33
N GLY B 18 -4.14 4.63 17.54
CA GLY B 18 -3.59 3.50 16.78
C GLY B 18 -4.70 2.87 15.95
N CYS B 19 -4.42 2.60 14.67
CA CYS B 19 -5.45 2.19 13.69
C CYS B 19 -4.92 1.14 12.74
N SER B 20 -5.73 0.13 12.43
CA SER B 20 -5.29 -0.91 11.50
C SER B 20 -5.33 -0.42 10.05
N SER B 21 -4.70 -1.18 9.17
CA SER B 21 -4.25 -0.72 7.85
C SER B 21 -5.32 -0.26 6.89
N LEU B 22 -6.38 -1.05 6.76
CA LEU B 22 -7.35 -0.84 5.68
C LEU B 22 -8.17 0.40 6.00
N ILE B 23 -8.71 0.46 7.21
CA ILE B 23 -9.47 1.61 7.64
C ILE B 23 -8.59 2.86 7.72
N GLY B 24 -7.33 2.68 8.08
CA GLY B 24 -6.37 3.76 8.15
C GLY B 24 -6.12 4.42 6.82
N GLN B 25 -6.21 3.66 5.74
CA GLN B 25 -5.99 4.18 4.39
C GLN B 25 -7.24 4.84 3.79
N THR B 26 -8.40 4.47 4.28
CA THR B 26 -9.63 4.62 3.54
C THR B 26 -10.64 5.58 4.23
N LEU B 27 -10.71 5.52 5.54
CA LEU B 27 -11.70 6.25 6.32
C LEU B 27 -11.07 7.19 7.34
N LEU B 28 -9.99 6.75 8.01
CA LEU B 28 -9.33 7.60 9.01
C LEU B 28 -8.95 9.01 8.54
N PRO B 29 -8.35 9.13 7.34
CA PRO B 29 -7.97 10.47 6.88
C PRO B 29 -9.17 11.45 6.88
N GLU B 30 -10.32 10.99 6.38
CA GLU B 30 -11.55 11.78 6.35
C GLU B 30 -11.98 12.16 7.77
N VAL B 31 -11.98 11.16 8.67
CA VAL B 31 -12.32 11.42 10.05
C VAL B 31 -11.37 12.44 10.69
N LEU B 32 -10.08 12.32 10.42
CA LEU B 32 -9.11 13.20 11.06
C LEU B 32 -9.28 14.63 10.55
N SER B 33 -9.59 14.77 9.26
CA SER B 33 -9.81 16.08 8.65
C SER B 33 -10.99 16.78 9.33
N LEU B 34 -12.11 16.07 9.43
CA LEU B 34 -13.30 16.58 10.15
C LEU B 34 -12.98 16.90 11.61
N TYR B 35 -12.18 16.06 12.25
CA TYR B 35 -11.81 16.25 13.65
C TYR B 35 -10.89 17.48 13.85
N ASN B 36 -9.96 17.70 12.94
CA ASN B 36 -9.12 18.90 12.99
C ASN B 36 -9.96 20.16 12.81
N ALA B 37 -10.92 20.12 11.89
CA ALA B 37 -11.80 21.26 11.63
C ALA B 37 -12.66 21.60 12.84
N GLN B 38 -13.23 20.58 13.48
CA GLN B 38 -14.11 20.77 14.64
C GLN B 38 -13.35 21.04 15.93
N PHE B 39 -12.14 20.49 16.07
CA PHE B 39 -11.38 20.64 17.31
C PHE B 39 -9.95 21.03 17.02
N PRO B 40 -9.74 22.23 16.46
CA PRO B 40 -8.41 22.67 16.00
C PRO B 40 -7.33 22.75 17.07
N ASN B 41 -7.71 22.84 18.34
CA ASN B 41 -6.72 23.01 19.41
C ASN B 41 -6.16 21.72 19.98
N VAL B 42 -6.65 20.56 19.53
CA VAL B 42 -6.08 19.29 19.97
C VAL B 42 -4.98 18.83 19.01
N GLU B 43 -3.85 18.38 19.55
CA GLU B 43 -2.79 17.86 18.70
C GLU B 43 -2.92 16.35 18.55
N ILE B 44 -2.96 15.88 17.31
CA ILE B 44 -3.16 14.45 17.07
C ILE B 44 -1.83 13.73 16.91
N GLN B 45 -1.77 12.50 17.42
CA GLN B 45 -0.69 11.57 17.09
C GLN B 45 -1.35 10.30 16.60
N VAL B 46 -0.86 9.78 15.48
CA VAL B 46 -1.50 8.63 14.83
C VAL B 46 -0.49 7.58 14.39
N GLN B 47 -0.81 6.32 14.64
CA GLN B 47 -0.07 5.23 14.03
C GLN B 47 -1.03 4.36 13.27
N VAL B 48 -0.69 4.07 12.01
CA VAL B 48 -1.41 3.08 11.23
C VAL B 48 -0.46 1.91 10.96
N GLY B 49 -0.88 0.71 11.37
CA GLY B 49 -0.11 -0.53 11.16
C GLY B 49 -1.10 -1.70 11.13
N SER B 50 -0.59 -2.93 11.13
CA SER B 50 -1.44 -4.12 11.20
C SER B 50 -2.14 -4.17 12.55
N THR B 51 -3.29 -4.82 12.60
CA THR B 51 -4.02 -5.03 13.85
C THR B 51 -3.08 -5.54 14.98
N GLU B 52 -2.28 -6.56 14.67
CA GLU B 52 -1.40 -7.21 15.64
C GLU B 52 -0.41 -6.20 16.23
N GLN B 53 0.17 -5.38 15.36
CA GLN B 53 1.12 -4.37 15.79
C GLN B 53 0.45 -3.29 16.67
N ILE B 54 -0.76 -2.85 16.30
CA ILE B 54 -1.48 -1.85 17.09
C ILE B 54 -1.84 -2.44 18.46
N LYS B 55 -2.40 -3.65 18.48
CA LYS B 55 -2.71 -4.31 19.75
C LYS B 55 -1.46 -4.50 20.61
N ALA B 56 -0.33 -4.82 19.98
CA ALA B 56 0.93 -4.96 20.72
C ALA B 56 1.34 -3.64 21.37
N ASN B 57 1.13 -2.53 20.67
CA ASN B 57 1.50 -1.22 21.20
C ASN B 57 0.40 -0.52 21.98
N HIS B 58 -0.59 -1.26 22.49
CA HIS B 58 -1.79 -0.63 23.07
C HIS B 58 -1.52 0.50 24.08
N ARG B 59 -0.44 0.40 24.84
CA ARG B 59 -0.11 1.43 25.85
C ARG B 59 0.27 2.78 25.24
N ASP B 60 0.63 2.81 23.95
CA ASP B 60 0.91 4.07 23.25
C ASP B 60 -0.32 4.90 22.94
N TYR B 61 -1.51 4.32 23.00
CA TYR B 61 -2.71 4.96 22.45
C TYR B 61 -3.80 5.23 23.48
N HIS B 62 -4.54 6.31 23.28
CA HIS B 62 -5.79 6.52 24.02
C HIS B 62 -6.90 5.66 23.44
N VAL B 63 -6.87 5.52 22.11
CA VAL B 63 -7.92 4.82 21.37
C VAL B 63 -7.30 3.97 20.27
N MSE B 64 -7.80 2.75 20.13
CA MSE B 64 -7.40 1.82 19.07
C MSE B 64 -8.60 1.54 18.20
O MSE B 64 -9.72 1.43 18.70
CB MSE B 64 -6.93 0.51 19.66
CG MSE B 64 -5.55 0.66 20.30
SE MSE B 64 -4.94 -1.10 20.95
CE MSE B 64 -6.27 -1.32 22.40
N ILE B 65 -8.37 1.46 16.89
CA ILE B 65 -9.39 1.05 15.94
C ILE B 65 -8.81 -0.10 15.15
N THR B 66 -9.39 -1.29 15.29
CA THR B 66 -8.82 -2.49 14.69
C THR B 66 -9.86 -3.42 14.11
N ARG B 67 -9.44 -4.17 13.09
CA ARG B 67 -10.25 -5.20 12.45
C ARG B 67 -9.89 -6.57 13.05
N GLY B 68 -10.89 -7.36 13.43
CA GLY B 68 -10.65 -8.67 14.02
C GLY B 68 -11.57 -8.87 15.20
N ASN B 69 -10.99 -9.00 16.38
CA ASN B 69 -11.74 -9.30 17.59
C ASN B 69 -11.66 -8.19 18.61
N LYS B 70 -12.60 -8.23 19.55
CA LYS B 70 -12.62 -7.31 20.67
C LYS B 70 -11.35 -7.46 21.49
N VAL B 71 -10.98 -6.40 22.18
CA VAL B 71 -9.86 -6.43 23.11
C VAL B 71 -10.42 -6.55 24.52
N MSE B 72 -9.94 -7.53 25.25
CA MSE B 72 -10.37 -7.78 26.62
C MSE B 72 -9.97 -6.67 27.56
O MSE B 72 -8.94 -6.03 27.36
CB MSE B 72 -9.73 -9.08 27.08
CG MSE B 72 -10.71 -10.23 26.94
SE MSE B 72 -9.81 -11.80 27.70
CE MSE B 72 -10.91 -11.87 29.33
N ASN B 73 -10.80 -6.45 28.58
CA ASN B 73 -10.51 -5.50 29.65
C ASN B 73 -10.51 -4.04 29.17
N LEU B 74 -11.19 -3.81 28.06
CA LEU B 74 -11.32 -2.48 27.47
C LEU B 74 -12.76 -2.36 27.03
N ALA B 75 -13.27 -1.15 26.87
CA ALA B 75 -14.56 -0.99 26.20
C ALA B 75 -14.33 -1.22 24.70
N ASN B 76 -15.30 -1.83 24.02
CA ASN B 76 -15.26 -2.07 22.59
C ASN B 76 -16.56 -1.61 21.96
N THR B 77 -16.48 -0.73 20.98
CA THR B 77 -17.67 -0.32 20.24
C THR B 77 -17.51 -0.81 18.80
N HIS B 78 -18.49 -1.60 18.37
CA HIS B 78 -18.58 -2.14 17.03
C HIS B 78 -18.90 -1.06 16.02
N LEU B 79 -18.01 -0.85 15.05
CA LEU B 79 -18.19 0.21 14.07
C LEU B 79 -18.94 -0.31 12.85
N PHE B 80 -18.47 -1.42 12.28
CA PHE B 80 -19.09 -2.02 11.08
C PHE B 80 -18.51 -3.39 10.78
N ASN B 81 -19.30 -4.17 10.06
CA ASN B 81 -18.84 -5.40 9.44
C ASN B 81 -18.58 -5.19 7.98
N ASP B 82 -17.58 -5.91 7.48
CA ASP B 82 -17.26 -5.98 6.06
C ASP B 82 -17.55 -7.36 5.46
N ASP B 83 -18.33 -7.38 4.38
CA ASP B 83 -18.37 -8.51 3.48
C ASP B 83 -17.12 -8.50 2.60
N HIS B 84 -16.91 -9.61 1.90
CA HIS B 84 -15.75 -9.77 1.01
C HIS B 84 -16.24 -10.25 -0.34
N TYR B 85 -15.61 -9.78 -1.42
CA TYR B 85 -16.04 -10.10 -2.78
C TYR B 85 -14.86 -10.62 -3.60
N PHE B 86 -15.14 -11.67 -4.37
CA PHE B 86 -14.24 -12.15 -5.39
C PHE B 86 -14.48 -11.27 -6.60
N ILE B 87 -13.40 -10.69 -7.14
CA ILE B 87 -13.48 -9.69 -8.21
C ILE B 87 -12.62 -10.11 -9.39
N PHE B 88 -13.23 -10.06 -10.58
CA PHE B 88 -12.56 -10.48 -11.81
C PHE B 88 -13.09 -9.70 -13.01
N PRO B 89 -12.29 -9.59 -14.08
CA PRO B 89 -12.76 -8.83 -15.24
C PRO B 89 -14.01 -9.44 -15.86
N LYS B 90 -15.05 -8.64 -16.11
CA LYS B 90 -16.26 -9.12 -16.81
C LYS B 90 -15.80 -9.76 -18.12
N ASN B 91 -14.90 -9.01 -18.77
CA ASN B 91 -14.15 -9.43 -19.95
C ASN B 91 -13.56 -10.86 -19.97
N ARG B 92 -13.47 -11.52 -18.83
CA ARG B 92 -12.91 -12.89 -18.78
C ARG B 92 -13.60 -13.79 -17.75
N ARG B 93 -14.91 -13.65 -17.62
CA ARG B 93 -15.69 -14.48 -16.69
C ARG B 93 -15.35 -15.99 -16.74
N ASP B 94 -15.20 -16.56 -17.94
CA ASP B 94 -15.06 -18.02 -18.14
C ASP B 94 -13.79 -18.63 -17.54
N ASP B 95 -12.64 -18.05 -17.90
CA ASP B 95 -11.34 -18.62 -17.59
C ASP B 95 -10.68 -18.00 -16.33
N VAL B 96 -11.50 -17.75 -15.31
CA VAL B 96 -11.03 -17.20 -14.04
C VAL B 96 -9.91 -18.01 -13.39
N THR B 97 -9.97 -19.34 -13.52
CA THR B 97 -8.92 -20.23 -12.99
C THR B 97 -7.56 -20.00 -13.62
N LYS B 98 -7.53 -19.46 -14.82
CA LYS B 98 -6.28 -19.24 -15.54
C LYS B 98 -5.60 -17.94 -15.13
N LEU B 99 -6.38 -16.97 -14.68
CA LEU B 99 -5.84 -15.68 -14.27
C LEU B 99 -5.06 -15.78 -12.96
N PRO B 100 -4.02 -14.96 -12.80
CA PRO B 100 -3.33 -15.01 -11.52
C PRO B 100 -4.16 -14.42 -10.35
N PHE B 101 -4.20 -15.13 -9.23
CA PHE B 101 -4.79 -14.60 -8.01
C PHE B 101 -3.80 -13.64 -7.34
N ILE B 102 -4.30 -12.46 -6.94
CA ILE B 102 -3.49 -11.40 -6.32
C ILE B 102 -3.77 -11.43 -4.81
N GLU B 103 -2.73 -11.73 -4.02
CA GLU B 103 -2.85 -11.82 -2.57
C GLU B 103 -2.13 -10.66 -1.94
N PHE B 104 -2.82 -9.91 -1.09
CA PHE B 104 -2.16 -8.93 -0.26
C PHE B 104 -1.86 -9.51 1.10
N GLN B 105 -0.79 -9.00 1.70
CA GLN B 105 -0.35 -9.47 2.97
C GLN B 105 -1.40 -9.16 4.04
N ALA B 106 -1.71 -10.17 4.83
CA ALA B 106 -2.72 -10.11 5.85
C ALA B 106 -2.46 -11.24 6.83
N ASP B 107 -3.17 -11.25 7.94
CA ASP B 107 -3.00 -12.32 8.92
C ASP B 107 -3.30 -13.70 8.33
N PRO B 108 -2.60 -14.71 8.86
CA PRO B 108 -2.69 -16.05 8.31
C PRO B 108 -4.05 -16.78 8.43
N ILE B 109 -4.89 -16.41 9.40
CA ILE B 109 -6.22 -17.04 9.52
C ILE B 109 -7.06 -16.59 8.33
N TYR B 110 -7.03 -15.29 8.03
CA TYR B 110 -7.72 -14.72 6.87
C TYR B 110 -7.26 -15.35 5.55
N ILE B 111 -5.94 -15.43 5.34
CA ILE B 111 -5.40 -16.04 4.12
C ILE B 111 -5.83 -17.49 3.96
N ASN B 112 -5.78 -18.26 5.05
CA ASN B 112 -6.24 -19.66 5.00
C ASN B 112 -7.71 -19.77 4.67
N GLN B 113 -8.53 -18.82 5.14
CA GLN B 113 -9.94 -18.77 4.75
C GLN B 113 -10.11 -18.47 3.26
N ILE B 114 -9.35 -17.51 2.74
CA ILE B 114 -9.39 -17.19 1.32
C ILE B 114 -8.96 -18.40 0.50
N LYS B 115 -7.89 -19.06 0.94
CA LYS B 115 -7.37 -20.24 0.24
C LYS B 115 -8.43 -21.35 0.18
N GLN B 116 -9.01 -21.66 1.33
CA GLN B 116 -10.10 -22.62 1.39
C GLN B 116 -11.23 -22.29 0.44
N TRP B 117 -11.64 -21.02 0.40
CA TRP B 117 -12.75 -20.66 -0.48
C TRP B 117 -12.37 -20.88 -1.93
N TYR B 118 -11.15 -20.50 -2.27
CA TYR B 118 -10.65 -20.67 -3.62
C TYR B 118 -10.70 -22.16 -4.01
N ASN B 119 -10.15 -23.02 -3.15
CA ASN B 119 -10.17 -24.49 -3.37
C ASN B 119 -11.55 -25.00 -3.71
N ASP B 120 -12.52 -24.65 -2.86
CA ASP B 120 -13.86 -25.18 -2.99
C ASP B 120 -14.69 -24.54 -4.10
N ASN B 121 -14.31 -23.35 -4.57
CA ASN B 121 -15.15 -22.65 -5.56
C ASN B 121 -14.58 -22.54 -6.96
N LEU B 122 -13.26 -22.49 -7.09
CA LEU B 122 -12.65 -22.56 -8.42
C LEU B 122 -12.23 -24.00 -8.71
N GLU B 123 -12.50 -24.90 -7.75
CA GLU B 123 -12.23 -26.33 -7.90
C GLU B 123 -10.84 -26.53 -8.46
N GLN B 124 -9.88 -25.88 -7.81
CA GLN B 124 -8.51 -25.87 -8.24
C GLN B 124 -7.68 -25.32 -7.08
N ASP B 125 -6.47 -25.83 -6.91
CA ASP B 125 -5.61 -25.41 -5.81
C ASP B 125 -5.30 -23.91 -5.86
N TYR B 126 -5.50 -23.28 -4.71
CA TYR B 126 -5.12 -21.89 -4.51
C TYR B 126 -3.63 -21.76 -4.65
N HIS B 127 -3.23 -20.72 -5.35
CA HIS B 127 -1.83 -20.34 -5.41
C HIS B 127 -1.77 -18.84 -5.61
N ALA B 128 -1.05 -18.15 -4.73
CA ALA B 128 -0.86 -16.73 -4.87
C ALA B 128 0.20 -16.49 -5.94
N THR B 129 -0.24 -16.32 -7.18
CA THR B 129 0.73 -16.12 -8.25
C THR B 129 1.23 -14.66 -8.25
N ILE B 130 0.45 -13.74 -7.71
CA ILE B 130 0.95 -12.41 -7.42
C ILE B 130 0.73 -12.10 -5.93
N THR B 131 1.82 -11.97 -5.17
CA THR B 131 1.74 -11.65 -3.75
C THR B 131 2.33 -10.27 -3.52
N VAL B 132 1.61 -9.44 -2.79
CA VAL B 132 2.03 -8.07 -2.58
C VAL B 132 1.97 -7.70 -1.11
N ASP B 133 2.84 -6.75 -0.74
CA ASP B 133 2.96 -6.31 0.64
C ASP B 133 1.84 -5.35 1.08
N GLN B 134 1.29 -4.59 0.15
CA GLN B 134 0.38 -3.50 0.51
C GLN B 134 -0.93 -3.64 -0.25
N VAL B 135 -2.03 -3.41 0.44
CA VAL B 135 -3.35 -3.55 -0.17
C VAL B 135 -3.60 -2.67 -1.41
N ALA B 136 -3.10 -1.43 -1.42
CA ALA B 136 -3.28 -0.56 -2.61
C ALA B 136 -2.59 -1.10 -3.84
N THR B 137 -1.50 -1.82 -3.62
CA THR B 137 -0.85 -2.53 -4.72
C THR B 137 -1.72 -3.62 -5.31
N CYS B 138 -2.37 -4.39 -4.45
CA CYS B 138 -3.32 -5.40 -4.88
C CYS B 138 -4.44 -4.80 -5.74
N LYS B 139 -5.04 -3.74 -5.23
CA LYS B 139 -6.05 -2.99 -5.96
C LYS B 139 -5.55 -2.45 -7.33
N GLU B 140 -4.34 -1.88 -7.36
CA GLU B 140 -3.77 -1.44 -8.65
C GLU B 140 -3.56 -2.60 -9.64
N MSE B 141 -3.16 -3.77 -9.14
CA MSE B 141 -2.96 -4.92 -10.02
C MSE B 141 -4.29 -5.35 -10.57
O MSE B 141 -4.41 -5.71 -11.75
CB MSE B 141 -2.32 -6.08 -9.28
CG MSE B 141 -0.89 -5.80 -8.83
SE MSE B 141 0.33 -6.26 -10.31
CE MSE B 141 2.01 -5.89 -9.31
N LEU B 142 -5.31 -5.36 -9.73
CA LEU B 142 -6.65 -5.73 -10.19
C LEU B 142 -7.13 -4.75 -11.26
N ILE B 143 -7.11 -3.48 -10.92
CA ILE B 143 -7.61 -2.44 -11.81
C ILE B 143 -6.91 -2.43 -13.16
N SER B 144 -5.62 -2.74 -13.20
CA SER B 144 -4.92 -2.75 -14.47
C SER B 144 -5.18 -4.01 -15.30
N GLY B 145 -6.06 -4.89 -14.84
CA GLY B 145 -6.43 -6.08 -15.62
C GLY B 145 -5.49 -7.27 -15.52
N VAL B 146 -4.57 -7.26 -14.56
CA VAL B 146 -3.53 -8.31 -14.45
C VAL B 146 -4.04 -9.63 -13.84
N GLY B 147 -5.10 -9.57 -13.03
CA GLY B 147 -5.53 -10.76 -12.32
C GLY B 147 -6.83 -10.65 -11.57
N VAL B 148 -7.07 -11.60 -10.68
CA VAL B 148 -8.28 -11.62 -9.85
C VAL B 148 -7.85 -11.52 -8.40
N THR B 149 -8.79 -11.12 -7.54
CA THR B 149 -8.52 -11.03 -6.11
C THR B 149 -9.82 -11.12 -5.28
N ILE B 150 -9.64 -11.13 -3.96
CA ILE B 150 -10.72 -10.96 -3.01
C ILE B 150 -10.43 -9.73 -2.14
N LEU B 151 -11.37 -8.80 -2.10
CA LEU B 151 -11.21 -7.61 -1.27
C LEU B 151 -12.36 -7.49 -0.32
N PRO B 152 -12.10 -6.97 0.89
CA PRO B 152 -13.21 -6.56 1.75
C PRO B 152 -13.86 -5.30 1.22
N GLU B 153 -15.12 -5.05 1.59
CA GLU B 153 -15.90 -3.97 0.98
C GLU B 153 -15.22 -2.63 1.08
N ILE B 154 -14.55 -2.39 2.20
CA ILE B 154 -13.98 -1.09 2.47
C ILE B 154 -12.91 -0.67 1.46
N MSE B 155 -12.32 -1.66 0.78
CA MSE B 155 -11.27 -1.40 -0.21
C MSE B 155 -11.81 -1.40 -1.61
O MSE B 155 -11.03 -1.29 -2.55
CB MSE B 155 -10.24 -2.55 -0.17
CG MSE B 155 -9.45 -2.58 1.12
SE MSE B 155 -8.53 -0.89 1.50
CE MSE B 155 -7.82 -0.43 -0.26
N MSE B 156 -13.12 -1.49 -1.78
CA MSE B 156 -13.74 -1.65 -3.12
C MSE B 156 -14.17 -0.38 -3.80
O MSE B 156 -14.71 -0.44 -4.90
CB MSE B 156 -14.93 -2.59 -3.06
CG MSE B 156 -14.36 -3.99 -3.10
SE MSE B 156 -15.71 -5.29 -2.58
CE MSE B 156 -14.43 -6.74 -2.82
N LYS B 157 -13.91 0.77 -3.21
CA LYS B 157 -14.33 2.03 -3.82
C LYS B 157 -13.55 2.32 -5.14
N ASN B 158 -14.27 2.85 -6.13
CA ASN B 158 -13.67 3.17 -7.45
C ASN B 158 -13.18 1.97 -8.27
N ILE B 159 -13.80 0.82 -8.05
CA ILE B 159 -13.58 -0.32 -8.92
C ILE B 159 -14.79 -0.37 -9.84
N SER B 160 -14.57 -0.19 -11.14
CA SER B 160 -15.66 -0.08 -12.12
C SER B 160 -16.58 -1.31 -12.14
N LYS B 161 -17.86 -1.07 -11.87
CA LYS B 161 -18.90 -2.09 -12.07
C LYS B 161 -19.07 -2.46 -13.55
N GLU B 162 -18.62 -1.58 -14.44
CA GLU B 162 -18.68 -1.86 -15.88
C GLU B 162 -17.60 -2.84 -16.30
N GLN B 163 -16.43 -2.73 -15.68
CA GLN B 163 -15.26 -3.52 -16.07
C GLN B 163 -15.12 -4.84 -15.30
N PHE B 164 -15.66 -4.89 -14.09
CA PHE B 164 -15.47 -6.04 -13.20
C PHE B 164 -16.78 -6.62 -12.70
N GLU B 165 -16.74 -7.94 -12.48
CA GLU B 165 -17.80 -8.70 -11.82
C GLU B 165 -17.42 -8.96 -10.35
N PHE B 166 -18.44 -8.97 -9.48
CA PHE B 166 -18.26 -9.11 -8.04
C PHE B 166 -19.07 -10.26 -7.50
N GLU B 167 -18.41 -11.22 -6.87
CA GLU B 167 -19.09 -12.39 -6.31
C GLU B 167 -18.87 -12.46 -4.80
N LYS B 168 -19.96 -12.37 -4.05
CA LYS B 168 -19.88 -12.38 -2.60
C LYS B 168 -19.26 -13.69 -2.11
N VAL B 169 -18.30 -13.58 -1.18
CA VAL B 169 -17.57 -14.75 -0.66
C VAL B 169 -18.31 -15.32 0.54
N GLU B 170 -18.65 -16.61 0.44
CA GLU B 170 -19.34 -17.34 1.49
C GLU B 170 -18.69 -18.69 1.68
N ILE B 171 -18.58 -19.12 2.92
CA ILE B 171 -18.05 -20.44 3.25
C ILE B 171 -19.16 -21.23 3.95
N ASP B 172 -19.58 -22.34 3.33
CA ASP B 172 -20.69 -23.17 3.83
C ASP B 172 -21.92 -22.29 4.06
N ASN B 173 -22.30 -21.56 3.03
CA ASN B 173 -23.37 -20.53 3.09
C ASN B 173 -23.34 -19.57 4.28
N GLU B 174 -22.14 -19.20 4.73
CA GLU B 174 -21.97 -18.12 5.67
C GLU B 174 -21.01 -17.09 5.06
N PRO B 175 -21.48 -15.84 4.89
CA PRO B 175 -20.61 -14.77 4.42
C PRO B 175 -19.31 -14.65 5.22
N LEU B 176 -18.19 -14.61 4.53
CA LEU B 176 -16.92 -14.24 5.15
C LEU B 176 -16.98 -12.76 5.51
N ILE B 177 -16.96 -12.48 6.82
CA ILE B 177 -16.98 -11.13 7.33
C ILE B 177 -15.80 -10.88 8.25
N ARG B 178 -15.47 -9.62 8.39
CA ARG B 178 -14.60 -9.13 9.45
C ARG B 178 -15.25 -7.90 10.06
N SER B 179 -15.19 -7.83 11.37
CA SER B 179 -15.72 -6.73 12.15
C SER B 179 -14.60 -5.80 12.48
N THR B 180 -14.94 -4.50 12.54
CA THR B 180 -14.02 -3.49 13.00
C THR B 180 -14.56 -2.89 14.30
N PHE B 181 -13.67 -2.77 15.30
CA PHE B 181 -13.97 -2.25 16.64
C PHE B 181 -13.08 -1.06 17.01
N MSE B 182 -13.66 -0.13 17.75
CA MSE B 182 -12.90 0.89 18.42
C MSE B 182 -12.83 0.51 19.86
O MSE B 182 -13.86 0.21 20.48
CB MSE B 182 -13.61 2.23 18.30
CG MSE B 182 -12.77 3.37 18.84
SE MSE B 182 -13.44 5.11 18.23
CE MSE B 182 -15.41 4.70 18.22
N SER B 183 -11.61 0.54 20.43
CA SER B 183 -11.34 0.05 21.78
C SER B 183 -10.57 1.09 22.59
N TYR B 184 -10.94 1.21 23.87
CA TYR B 184 -10.37 2.20 24.79
C TYR B 184 -10.74 1.85 26.24
N ASP B 185 -9.91 2.32 27.16
CA ASP B 185 -10.21 2.24 28.58
C ASP B 185 -11.34 3.22 28.81
N PRO B 186 -12.44 2.79 29.46
CA PRO B 186 -13.60 3.71 29.61
C PRO B 186 -13.24 5.04 30.31
N SER B 187 -12.22 5.02 31.17
CA SER B 187 -11.80 6.22 31.88
C SER B 187 -11.16 7.27 30.98
N MSE B 188 -10.74 6.86 29.78
CA MSE B 188 -10.19 7.80 28.82
C MSE B 188 -11.26 8.74 28.31
O MSE B 188 -10.95 9.83 27.83
CB MSE B 188 -9.50 7.03 27.68
CG MSE B 188 -8.08 7.52 27.38
SE MSE B 188 -6.87 7.07 28.85
CE MSE B 188 -6.39 8.83 29.61
N LEU B 189 -12.54 8.36 28.43
CA LEU B 189 -13.63 9.23 27.98
C LEU B 189 -13.79 10.50 28.81
N GLN B 190 -13.18 10.54 29.99
CA GLN B 190 -13.16 11.75 30.82
C GLN B 190 -12.27 12.83 30.20
N LEU B 191 -11.39 12.45 29.26
CA LEU B 191 -10.65 13.44 28.47
C LEU B 191 -11.52 13.92 27.34
N PRO B 192 -11.77 15.24 27.26
CA PRO B 192 -12.75 15.69 26.26
C PRO B 192 -12.32 15.50 24.80
N GLN B 193 -11.02 15.61 24.52
CA GLN B 193 -10.50 15.38 23.16
C GLN B 193 -10.71 13.93 22.72
N VAL B 194 -10.62 13.01 23.68
CA VAL B 194 -10.81 11.59 23.42
C VAL B 194 -12.30 11.30 23.28
N ASP B 195 -13.10 11.79 24.23
CA ASP B 195 -14.55 11.68 24.14
C ASP B 195 -15.07 12.22 22.82
N SER B 196 -14.55 13.37 22.40
CA SER B 196 -14.93 13.97 21.12
C SER B 196 -14.58 13.09 19.93
N PHE B 197 -13.36 12.54 19.95
CA PHE B 197 -12.93 11.67 18.85
C PHE B 197 -13.79 10.42 18.78
N VAL B 198 -13.97 9.77 19.92
CA VAL B 198 -14.72 8.52 19.96
C VAL B 198 -16.15 8.71 19.42
N ASN B 199 -16.83 9.77 19.83
CA ASN B 199 -18.21 10.00 19.35
C ASN B 199 -18.27 10.39 17.89
N LEU B 200 -17.28 11.15 17.40
CA LEU B 200 -17.15 11.42 15.97
C LEU B 200 -16.94 10.14 15.16
N MSE B 201 -15.94 9.34 15.54
CA MSE B 201 -15.60 8.11 14.76
C MSE B 201 -16.79 7.16 14.77
O MSE B 201 -17.13 6.58 13.75
CB MSE B 201 -14.33 7.48 15.33
CG MSE B 201 -13.93 6.12 14.75
SE MSE B 201 -13.52 6.18 12.84
CE MSE B 201 -11.84 7.16 13.03
N ALA B 202 -17.45 7.03 15.92
CA ALA B 202 -18.62 6.15 16.02
C ALA B 202 -19.85 6.62 15.24
N SER B 203 -19.94 7.91 14.98
CA SER B 203 -21.08 8.48 14.25
C SER B 203 -20.89 8.43 12.74
N PHE B 204 -19.64 8.27 12.31
CA PHE B 204 -19.26 8.59 10.94
C PHE B 204 -19.94 7.69 9.91
CL CL C . 10.29 1.03 -5.04
CL CL D . -8.47 -2.62 8.87
#